data_9DO3
#
_entry.id   9DO3
#
_cell.length_a   113.088
_cell.length_b   113.088
_cell.length_c   219.665
_cell.angle_alpha   90.000
_cell.angle_beta   90.000
_cell.angle_gamma   90.000
#
_symmetry.space_group_name_H-M   'I 41 2 2'
#
loop_
_entity.id
_entity.type
_entity.pdbx_description
1 polymer 'Papain-like protease nsp3'
2 non-polymer 5-[(3S)-3,4-dimethylpiperazin-1-yl]-2-methyl-N-{(1R)-1-[(2M)-2-(1-methyl-1H-pyrazol-4-yl)quinolin-4-yl]ethyl}benzamide
3 non-polymer DI(HYDROXYETHYL)ETHER
4 non-polymer 'ACETATE ION'
5 non-polymer 1,2-ETHANEDIOL
6 non-polymer 'ZINC ION'
7 non-polymer 'CHLORIDE ION'
8 water water
#
_entity_poly.entity_id   1
_entity_poly.type   'polypeptide(L)'
_entity_poly.pdbx_seq_one_letter_code
;SNAEVRTIKVFTTVDNINLHTQVVDMSMTYGQQFGPTYLDGADVTKIKPHNSHEGKTFYVLPNDDTLRVEAFEYYHTTDP
SFLGRYMSALNHTKKWKYPQVNGLTSIKWADNNCYLATALLTLQQIELKFNPPALQDAYYRARAGEAANFCALILAYCNK
TVGELGDVRETMSYLFQHANLDSCKRVLNVVCKTCGQQQTTLKGVEAVMYMGTLSYEQFKKGVQIPCTCGKQATKYLVQQ
ESPFVMMSAPPAQYELKHGTFTCASEYTGNYQCGHYKHITSKETLYCIDGALLTKSSEYKGPITDVFYKENSYTTTIK
;
_entity_poly.pdbx_strand_id   A
#
# COMPACT_ATOMS: atom_id res chain seq x y z
N THR A 7 33.73 25.15 8.43
CA THR A 7 32.52 25.15 7.61
C THR A 7 32.58 24.05 6.55
N ILE A 8 31.64 23.12 6.62
CA ILE A 8 31.55 22.02 5.67
C ILE A 8 30.51 22.36 4.61
N LYS A 9 30.69 21.81 3.41
CA LYS A 9 29.74 21.95 2.32
C LYS A 9 28.84 20.73 2.28
N VAL A 10 27.58 20.93 1.88
CA VAL A 10 26.58 19.88 1.99
C VAL A 10 25.51 20.04 0.93
N PHE A 11 24.74 18.97 0.73
CA PHE A 11 23.61 18.94 -0.20
C PHE A 11 22.30 18.78 0.57
N THR A 12 21.36 19.66 0.31
CA THR A 12 20.00 19.56 0.82
C THR A 12 19.02 19.30 -0.31
N THR A 13 17.99 18.52 -0.01
CA THR A 13 17.00 18.17 -1.01
C THR A 13 15.70 17.81 -0.31
N VAL A 14 14.63 17.74 -1.09
CA VAL A 14 13.37 17.19 -0.62
C VAL A 14 12.96 15.92 -1.35
N ASP A 15 13.57 15.60 -2.48
CA ASP A 15 13.20 14.44 -3.27
C ASP A 15 14.37 13.50 -3.55
N ASN A 16 15.57 13.82 -3.08
CA ASN A 16 16.80 13.09 -3.41
C ASN A 16 17.08 13.07 -4.90
N ILE A 17 16.40 13.94 -5.66
CA ILE A 17 16.59 14.08 -7.11
C ILE A 17 17.22 15.43 -7.45
N ASN A 18 16.53 16.53 -7.15
CA ASN A 18 17.07 17.87 -7.33
C ASN A 18 17.85 18.24 -6.07
N LEU A 19 19.18 18.27 -6.19
CA LEU A 19 20.07 18.53 -5.06
C LEU A 19 20.49 19.98 -5.05
N HIS A 20 20.96 20.43 -3.87
CA HIS A 20 21.29 21.84 -3.66
C HIS A 20 22.62 21.96 -2.94
N THR A 21 23.55 22.69 -3.53
CA THR A 21 24.82 23.00 -2.87
C THR A 21 24.56 24.00 -1.74
N GLN A 22 24.99 23.65 -0.53
CA GLN A 22 24.86 24.53 0.62
C GLN A 22 26.12 24.40 1.46
N VAL A 23 26.56 25.51 2.05
CA VAL A 23 27.70 25.54 2.95
C VAL A 23 27.18 25.84 4.35
N VAL A 24 27.61 25.04 5.32
CA VAL A 24 27.06 25.06 6.67
C VAL A 24 28.17 25.42 7.65
N ASP A 25 27.85 26.28 8.61
CA ASP A 25 28.79 26.61 9.68
C ASP A 25 28.89 25.44 10.66
N MET A 26 30.11 25.17 11.13
CA MET A 26 30.35 24.07 12.05
C MET A 26 29.93 24.37 13.48
N SER A 27 29.63 25.63 13.80
CA SER A 27 29.27 26.01 15.17
C SER A 27 27.77 26.07 15.41
N MET A 28 26.96 26.10 14.36
CA MET A 28 25.52 26.13 14.48
C MET A 28 24.92 24.80 14.06
N THR A 29 23.84 24.42 14.72
CA THR A 29 23.16 23.18 14.38
C THR A 29 22.43 23.32 13.04
N TYR A 30 22.07 22.17 12.47
CA TYR A 30 21.37 22.17 11.18
C TYR A 30 20.05 22.94 11.26
N GLY A 31 19.31 22.76 12.35
CA GLY A 31 18.05 23.44 12.49
C GLY A 31 18.18 24.95 12.52
N GLN A 32 19.30 25.45 13.05
CA GLN A 32 19.52 26.89 13.08
C GLN A 32 19.82 27.47 11.70
N GLN A 33 20.10 26.64 10.71
CA GLN A 33 20.46 27.12 9.38
C GLN A 33 19.50 26.64 8.29
N PHE A 34 18.97 25.42 8.41
CA PHE A 34 18.09 24.86 7.39
C PHE A 34 16.66 24.63 7.85
N GLY A 35 16.43 24.54 9.15
CA GLY A 35 15.17 24.06 9.66
C GLY A 35 15.29 22.57 9.95
N PRO A 36 14.15 21.89 10.07
CA PRO A 36 14.20 20.43 10.26
C PRO A 36 15.00 19.75 9.16
N THR A 37 16.04 19.02 9.56
CA THR A 37 16.97 18.37 8.65
C THR A 37 17.13 16.92 9.05
N TYR A 38 17.29 16.03 8.06
CA TYR A 38 17.36 14.60 8.32
C TYR A 38 18.49 13.99 7.48
N LEU A 39 19.11 12.94 8.03
CA LEU A 39 20.06 12.09 7.30
C LEU A 39 19.59 10.65 7.42
N ASP A 40 19.16 10.08 6.30
CA ASP A 40 18.69 8.69 6.26
C ASP A 40 17.63 8.44 7.32
N GLY A 41 16.72 9.40 7.48
CA GLY A 41 15.61 9.27 8.40
C GLY A 41 15.89 9.68 9.83
N ALA A 42 17.15 9.93 10.19
CA ALA A 42 17.50 10.31 11.55
C ALA A 42 17.46 11.82 11.69
N ASP A 43 16.62 12.31 12.61
CA ASP A 43 16.45 13.74 12.82
C ASP A 43 17.73 14.35 13.35
N VAL A 44 18.36 15.21 12.55
CA VAL A 44 19.61 15.87 12.93
C VAL A 44 19.36 17.36 13.08
N THR A 45 18.12 17.74 13.40
CA THR A 45 17.79 19.15 13.57
C THR A 45 18.58 19.77 14.73
N LYS A 46 18.77 19.02 15.82
CA LYS A 46 19.46 19.49 17.00
C LYS A 46 20.90 18.97 17.09
N ILE A 47 21.52 18.68 15.95
CA ILE A 47 22.85 18.11 15.89
C ILE A 47 23.74 19.07 15.11
N LYS A 48 24.92 19.34 15.65
CA LYS A 48 25.90 20.16 14.96
C LYS A 48 26.59 19.33 13.86
N PRO A 49 27.10 19.99 12.83
CA PRO A 49 27.69 19.25 11.70
C PRO A 49 28.93 18.48 12.10
N HIS A 50 29.01 17.22 11.69
CA HIS A 50 30.23 16.45 11.79
C HIS A 50 31.00 16.53 10.47
N ASN A 51 32.32 16.38 10.56
CA ASN A 51 33.13 16.37 9.35
C ASN A 51 32.85 15.16 8.47
N SER A 52 32.31 14.08 9.04
CA SER A 52 31.88 12.94 8.24
C SER A 52 30.63 13.25 7.43
N HIS A 53 29.89 14.29 7.82
CA HIS A 53 28.71 14.73 7.07
C HIS A 53 29.06 15.56 5.85
N GLU A 54 30.34 15.82 5.61
CA GLU A 54 30.75 16.61 4.45
C GLU A 54 30.35 15.90 3.16
N GLY A 55 29.60 16.61 2.31
CA GLY A 55 29.23 16.11 1.00
C GLY A 55 27.99 15.24 0.95
N LYS A 56 27.38 14.92 2.10
CA LYS A 56 26.21 14.06 2.11
C LYS A 56 24.96 14.86 1.74
N THR A 57 23.93 14.13 1.35
CA THR A 57 22.64 14.71 0.97
C THR A 57 21.71 14.68 2.17
N PHE A 58 21.15 15.83 2.52
CA PHE A 58 20.24 15.95 3.66
C PHE A 58 18.84 16.26 3.18
N TYR A 59 17.86 15.53 3.71
CA TYR A 59 16.47 15.90 3.52
C TYR A 59 16.13 17.08 4.42
N VAL A 60 15.45 18.08 3.86
CA VAL A 60 15.05 19.26 4.62
C VAL A 60 13.57 19.55 4.36
N LEU A 61 12.91 20.11 5.36
CA LEU A 61 11.55 20.57 5.17
C LEU A 61 11.55 21.77 4.23
N PRO A 62 10.61 21.83 3.28
CA PRO A 62 10.62 22.93 2.30
C PRO A 62 10.45 24.28 2.97
N ASN A 63 11.33 25.22 2.64
CA ASN A 63 11.29 26.56 3.19
C ASN A 63 11.16 27.66 2.13
N ASP A 64 11.34 27.35 0.85
CA ASP A 64 11.15 28.31 -0.23
C ASP A 64 10.17 27.71 -1.24
N ASP A 65 9.81 28.50 -2.25
CA ASP A 65 8.83 28.03 -3.22
C ASP A 65 9.40 26.99 -4.17
N THR A 66 10.69 27.06 -4.46
CA THR A 66 11.30 26.04 -5.30
C THR A 66 11.25 24.68 -4.61
N LEU A 67 11.50 24.64 -3.30
CA LEU A 67 11.45 23.38 -2.57
C LEU A 67 10.01 22.92 -2.35
N ARG A 68 9.08 23.86 -2.20
CA ARG A 68 7.67 23.48 -2.05
C ARG A 68 7.14 22.83 -3.32
N VAL A 69 7.49 23.38 -4.49
CA VAL A 69 7.02 22.83 -5.75
C VAL A 69 7.62 21.45 -5.99
N GLU A 70 8.94 21.33 -5.80
CA GLU A 70 9.59 20.04 -5.95
C GLU A 70 8.97 18.99 -5.02
N ALA A 71 8.63 19.39 -3.80
CA ALA A 71 8.03 18.46 -2.84
C ALA A 71 6.70 17.92 -3.36
N PHE A 72 5.90 18.78 -4.00
CA PHE A 72 4.62 18.30 -4.52
C PHE A 72 4.82 17.43 -5.76
N GLU A 73 5.72 17.83 -6.65
CA GLU A 73 5.92 17.08 -7.88
C GLU A 73 6.32 15.64 -7.61
N TYR A 74 7.03 15.39 -6.51
CA TYR A 74 7.50 14.06 -6.18
C TYR A 74 6.54 13.29 -5.27
N TYR A 75 5.94 13.97 -4.28
CA TYR A 75 5.10 13.31 -3.29
C TYR A 75 3.61 13.55 -3.51
N HIS A 76 3.23 14.58 -4.27
CA HIS A 76 1.83 14.94 -4.47
C HIS A 76 1.13 15.23 -3.14
N THR A 77 1.83 15.93 -2.24
CA THR A 77 1.20 16.42 -1.02
C THR A 77 1.83 17.74 -0.63
N THR A 78 1.02 18.61 -0.03
CA THR A 78 1.49 19.84 0.58
C THR A 78 1.50 19.77 2.11
N ASP A 79 1.13 18.63 2.68
CA ASP A 79 1.10 18.44 4.12
C ASP A 79 2.48 18.68 4.72
N PRO A 80 2.66 19.67 5.60
CA PRO A 80 3.98 19.90 6.18
C PRO A 80 4.43 18.78 7.12
N SER A 81 3.50 17.95 7.59
CA SER A 81 3.87 16.84 8.47
C SER A 81 4.33 15.61 7.72
N PHE A 82 4.21 15.60 6.38
CA PHE A 82 4.51 14.38 5.63
C PHE A 82 5.98 14.01 5.77
N LEU A 83 6.88 14.97 5.53
CA LEU A 83 8.31 14.67 5.57
C LEU A 83 8.71 14.04 6.90
N GLY A 84 8.24 14.62 8.01
CA GLY A 84 8.62 14.12 9.31
C GLY A 84 8.07 12.74 9.60
N ARG A 85 6.81 12.51 9.27
CA ARG A 85 6.23 11.17 9.41
C ARG A 85 6.94 10.16 8.53
N TYR A 86 7.37 10.57 7.34
CA TYR A 86 8.12 9.70 6.44
C TYR A 86 9.46 9.31 7.06
N MET A 87 10.24 10.31 7.50
CA MET A 87 11.55 10.02 8.07
C MET A 87 11.43 9.21 9.35
N SER A 88 10.40 9.49 10.16
CA SER A 88 10.23 8.75 11.41
CA SER A 88 10.23 8.74 11.41
C SER A 88 9.99 7.27 11.14
N ALA A 89 9.20 6.95 10.11
CA ALA A 89 8.96 5.56 9.76
C ALA A 89 10.20 4.95 9.13
N LEU A 90 10.88 5.70 8.26
CA LEU A 90 12.08 5.20 7.59
C LEU A 90 13.14 4.74 8.59
N ASN A 91 13.25 5.44 9.73
CA ASN A 91 14.23 5.06 10.74
C ASN A 91 14.00 3.64 11.24
N HIS A 92 12.75 3.19 11.27
CA HIS A 92 12.46 1.82 11.66
C HIS A 92 12.61 0.86 10.49
N THR A 93 12.01 1.21 9.33
CA THR A 93 11.94 0.26 8.23
C THR A 93 13.31 -0.04 7.64
N LYS A 94 14.24 0.92 7.70
CA LYS A 94 15.61 0.66 7.29
C LYS A 94 16.23 -0.48 8.08
N LYS A 95 15.73 -0.76 9.28
CA LYS A 95 16.29 -1.80 10.13
C LYS A 95 15.48 -3.09 10.09
N TRP A 96 14.42 -3.15 9.29
CA TRP A 96 13.73 -4.41 9.08
C TRP A 96 14.52 -5.28 8.09
N LYS A 97 14.16 -6.56 8.05
CA LYS A 97 14.77 -7.51 7.12
C LYS A 97 13.76 -7.88 6.04
N TYR A 98 14.19 -7.81 4.77
CA TYR A 98 13.34 -8.01 3.61
C TYR A 98 13.82 -9.22 2.83
N PRO A 99 13.47 -10.43 3.27
CA PRO A 99 13.94 -11.64 2.58
C PRO A 99 13.14 -11.90 1.32
N GLN A 100 13.80 -12.54 0.36
CA GLN A 100 13.13 -13.02 -0.84
C GLN A 100 12.49 -14.37 -0.54
N VAL A 101 11.17 -14.42 -0.60
CA VAL A 101 10.42 -15.64 -0.32
C VAL A 101 9.66 -15.99 -1.59
N ASN A 102 10.07 -17.09 -2.23
CA ASN A 102 9.40 -17.60 -3.43
C ASN A 102 9.41 -16.55 -4.55
N GLY A 103 10.57 -15.91 -4.74
CA GLY A 103 10.71 -14.87 -5.72
C GLY A 103 10.04 -13.55 -5.38
N LEU A 104 9.39 -13.47 -4.23
CA LEU A 104 8.72 -12.27 -3.76
C LEU A 104 9.46 -11.69 -2.56
N THR A 105 9.47 -10.36 -2.49
CA THR A 105 10.09 -9.66 -1.37
C THR A 105 9.08 -9.56 -0.22
N SER A 106 9.42 -10.18 0.91
CA SER A 106 8.60 -10.14 2.11
C SER A 106 9.30 -9.29 3.16
N ILE A 107 8.78 -9.34 4.39
CA ILE A 107 9.40 -8.64 5.53
C ILE A 107 9.43 -9.58 6.72
N LYS A 108 10.58 -9.68 7.38
CA LYS A 108 10.64 -10.42 8.64
C LYS A 108 9.79 -9.71 9.69
N TRP A 109 9.12 -10.49 10.54
CA TRP A 109 8.19 -9.93 11.50
C TRP A 109 8.89 -8.96 12.44
N ALA A 110 8.25 -7.80 12.67
CA ALA A 110 8.75 -6.74 13.54
C ALA A 110 7.72 -5.63 13.65
N ASP A 111 7.61 -5.00 14.81
CA ASP A 111 6.81 -3.78 14.98
C ASP A 111 5.42 -3.92 14.37
N ASN A 112 4.82 -5.11 14.50
CA ASN A 112 3.48 -5.39 14.02
C ASN A 112 3.33 -5.08 12.52
N ASN A 113 4.36 -5.42 11.73
CA ASN A 113 4.37 -5.10 10.31
C ASN A 113 3.74 -6.18 9.45
N CYS A 114 2.98 -7.11 10.04
CA CYS A 114 2.45 -8.21 9.23
C CYS A 114 1.49 -7.71 8.16
N TYR A 115 0.73 -6.65 8.44
CA TYR A 115 -0.17 -6.14 7.42
C TYR A 115 0.60 -5.42 6.32
N LEU A 116 1.74 -4.81 6.65
CA LEU A 116 2.55 -4.16 5.62
C LEU A 116 3.15 -5.20 4.67
N ALA A 117 3.65 -6.30 5.23
CA ALA A 117 4.22 -7.34 4.39
C ALA A 117 3.17 -7.96 3.47
N THR A 118 1.97 -8.17 3.99
CA THR A 118 0.89 -8.72 3.16
C THR A 118 0.59 -7.79 1.99
N ALA A 119 0.51 -6.49 2.26
CA ALA A 119 0.26 -5.55 1.18
C ALA A 119 1.43 -5.50 0.21
N LEU A 120 2.65 -5.58 0.73
CA LEU A 120 3.83 -5.56 -0.13
C LEU A 120 3.83 -6.76 -1.07
N LEU A 121 3.49 -7.94 -0.55
CA LEU A 121 3.43 -9.13 -1.38
C LEU A 121 2.32 -9.02 -2.41
N THR A 122 1.18 -8.46 -2.02
CA THR A 122 0.06 -8.31 -2.95
C THR A 122 0.40 -7.37 -4.10
N LEU A 123 1.10 -6.27 -3.80
CA LEU A 123 1.38 -5.28 -4.84
C LEU A 123 2.32 -5.84 -5.89
N GLN A 124 3.16 -6.81 -5.52
CA GLN A 124 4.05 -7.45 -6.48
C GLN A 124 3.31 -8.40 -7.41
N GLN A 125 2.01 -8.62 -7.21
CA GLN A 125 1.25 -9.58 -7.99
C GLN A 125 0.08 -8.96 -8.74
N ILE A 126 -0.17 -7.67 -8.59
CA ILE A 126 -1.23 -6.99 -9.34
C ILE A 126 -0.60 -5.83 -10.11
N GLU A 127 -1.26 -5.44 -11.19
CA GLU A 127 -0.78 -4.38 -12.06
C GLU A 127 -1.26 -3.04 -11.52
N LEU A 128 -0.32 -2.18 -11.14
CA LEU A 128 -0.67 -0.92 -10.52
C LEU A 128 0.38 0.13 -10.83
N LYS A 129 -0.07 1.32 -11.19
CA LYS A 129 0.80 2.46 -11.42
C LYS A 129 0.45 3.54 -10.40
N PHE A 130 1.45 3.97 -9.63
CA PHE A 130 1.24 5.01 -8.63
C PHE A 130 1.41 6.38 -9.27
N ASN A 131 0.61 7.34 -8.82
CA ASN A 131 0.64 8.69 -9.35
C ASN A 131 1.83 9.50 -8.81
N PRO A 132 2.10 9.50 -7.50
CA PRO A 132 3.28 10.24 -7.01
C PRO A 132 4.56 9.54 -7.41
N PRO A 133 5.47 10.24 -8.10
CA PRO A 133 6.75 9.61 -8.47
C PRO A 133 7.48 8.98 -7.28
N ALA A 134 7.36 9.58 -6.09
CA ALA A 134 8.01 9.00 -4.92
C ALA A 134 7.52 7.57 -4.66
N LEU A 135 6.22 7.34 -4.82
CA LEU A 135 5.68 6.00 -4.61
C LEU A 135 6.09 5.07 -5.74
N GLN A 136 6.06 5.55 -6.98
CA GLN A 136 6.43 4.72 -8.12
C GLN A 136 7.90 4.31 -8.04
N ASP A 137 8.78 5.28 -7.75
CA ASP A 137 10.20 4.96 -7.70
C ASP A 137 10.52 3.96 -6.60
N ALA A 138 9.87 4.11 -5.44
CA ALA A 138 10.11 3.18 -4.35
C ALA A 138 9.45 1.83 -4.61
N TYR A 139 8.32 1.83 -5.32
CA TYR A 139 7.71 0.59 -5.79
C TYR A 139 8.70 -0.24 -6.58
N TYR A 140 9.34 0.37 -7.58
CA TYR A 140 10.32 -0.33 -8.40
C TYR A 140 11.47 -0.86 -7.55
N ARG A 141 12.02 0.00 -6.68
CA ARG A 141 13.11 -0.43 -5.81
C ARG A 141 12.69 -1.58 -4.91
N ALA A 142 11.41 -1.61 -4.52
CA ALA A 142 10.94 -2.68 -3.65
C ALA A 142 10.87 -4.00 -4.39
N ARG A 143 10.37 -4.00 -5.63
N ARG A 143 10.39 -3.99 -5.65
CA ARG A 143 10.33 -5.22 -6.43
CA ARG A 143 10.34 -5.21 -6.43
C ARG A 143 11.70 -5.78 -6.76
C ARG A 143 11.73 -5.81 -6.60
N ALA A 144 12.76 -4.98 -6.58
CA ALA A 144 14.14 -5.45 -6.72
C ALA A 144 14.77 -5.84 -5.41
N GLY A 145 14.03 -5.76 -4.30
CA GLY A 145 14.48 -6.25 -3.01
C GLY A 145 14.77 -5.19 -1.97
N GLU A 146 14.85 -3.90 -2.35
CA GLU A 146 15.13 -2.82 -1.41
C GLU A 146 13.82 -2.09 -1.14
N ALA A 147 13.11 -2.54 -0.10
CA ALA A 147 11.75 -2.09 0.17
C ALA A 147 11.62 -1.23 1.42
N ALA A 148 12.73 -0.75 1.99
CA ALA A 148 12.64 0.09 3.18
C ALA A 148 11.94 1.41 2.86
N ASN A 149 12.38 2.10 1.83
CA ASN A 149 11.77 3.42 1.52
C ASN A 149 10.30 3.23 1.14
N PHE A 150 9.96 2.11 0.50
CA PHE A 150 8.57 1.92 0.09
C PHE A 150 7.66 1.73 1.28
N CYS A 151 8.07 0.94 2.27
CA CYS A 151 7.24 0.73 3.45
C CYS A 151 7.07 2.01 4.26
N ALA A 152 8.11 2.82 4.35
CA ALA A 152 8.00 4.09 5.08
C ALA A 152 6.99 5.00 4.40
N LEU A 153 7.01 5.07 3.07
CA LEU A 153 6.06 5.90 2.35
C LEU A 153 4.63 5.42 2.56
N ILE A 154 4.42 4.10 2.56
CA ILE A 154 3.08 3.56 2.80
C ILE A 154 2.55 4.05 4.14
N LEU A 155 3.38 3.96 5.17
CA LEU A 155 2.97 4.45 6.49
C LEU A 155 2.65 5.93 6.44
N ALA A 156 3.53 6.72 5.81
CA ALA A 156 3.30 8.16 5.72
C ALA A 156 2.04 8.47 4.96
N TYR A 157 1.87 7.86 3.78
CA TYR A 157 0.68 8.14 2.98
C TYR A 157 -0.60 7.65 3.66
N CYS A 158 -0.51 6.59 4.46
CA CYS A 158 -1.69 6.07 5.15
C CYS A 158 -1.92 6.70 6.51
N ASN A 159 -1.12 7.71 6.89
N ASN A 159 -1.12 7.70 6.90
CA ASN A 159 -1.19 8.33 8.22
CA ASN A 159 -1.21 8.32 8.22
C ASN A 159 -1.15 7.27 9.31
C ASN A 159 -1.15 7.27 9.32
N LYS A 160 -0.13 6.43 9.25
CA LYS A 160 0.08 5.36 10.22
C LYS A 160 1.53 5.42 10.69
N THR A 161 1.75 5.00 11.93
CA THR A 161 3.08 5.00 12.52
C THR A 161 3.55 3.57 12.73
N VAL A 162 4.86 3.39 12.77
CA VAL A 162 5.44 2.09 13.04
C VAL A 162 4.93 1.57 14.37
N GLY A 163 4.46 0.32 14.38
CA GLY A 163 3.91 -0.32 15.56
C GLY A 163 2.40 -0.30 15.62
N GLU A 164 1.77 0.69 14.99
CA GLU A 164 0.31 0.78 14.97
C GLU A 164 -0.29 -0.43 14.28
N LEU A 165 -1.51 -0.77 14.66
CA LEU A 165 -2.22 -1.93 14.12
C LEU A 165 -2.90 -1.53 12.82
N GLY A 166 -2.61 -2.26 11.74
CA GLY A 166 -3.08 -1.89 10.42
C GLY A 166 -3.98 -2.96 9.81
N ASP A 167 -4.91 -2.50 8.98
CA ASP A 167 -5.84 -3.37 8.25
C ASP A 167 -5.44 -3.39 6.77
N VAL A 168 -5.27 -4.59 6.21
CA VAL A 168 -4.77 -4.70 4.85
C VAL A 168 -5.73 -4.06 3.85
N ARG A 169 -7.03 -4.31 4.02
CA ARG A 169 -8.02 -3.74 3.10
C ARG A 169 -8.01 -2.22 3.15
N GLU A 170 -7.89 -1.64 4.35
CA GLU A 170 -7.80 -0.18 4.45
C GLU A 170 -6.52 0.34 3.83
N THR A 171 -5.41 -0.38 4.04
CA THR A 171 -4.14 0.05 3.47
C THR A 171 -4.17 -0.01 1.95
N MET A 172 -4.70 -1.11 1.39
CA MET A 172 -4.82 -1.22 -0.06
C MET A 172 -5.71 -0.12 -0.61
N SER A 173 -6.83 0.16 0.07
CA SER A 173 -7.74 1.21 -0.38
C SER A 173 -7.04 2.56 -0.42
N TYR A 174 -6.33 2.91 0.66
CA TYR A 174 -5.57 4.15 0.68
C TYR A 174 -4.60 4.21 -0.49
N LEU A 175 -3.90 3.10 -0.73
CA LEU A 175 -2.93 3.07 -1.81
C LEU A 175 -3.60 3.19 -3.18
N PHE A 176 -4.72 2.51 -3.37
CA PHE A 176 -5.43 2.61 -4.64
C PHE A 176 -5.80 4.04 -4.96
N GLN A 177 -6.14 4.83 -3.94
CA GLN A 177 -6.53 6.22 -4.17
C GLN A 177 -5.37 7.07 -4.67
N HIS A 178 -4.14 6.62 -4.46
CA HIS A 178 -2.96 7.30 -4.99
C HIS A 178 -2.41 6.60 -6.22
N ALA A 179 -3.23 5.78 -6.89
CA ALA A 179 -2.82 5.08 -8.10
C ALA A 179 -3.72 5.49 -9.25
N ASN A 180 -3.20 5.33 -10.46
CA ASN A 180 -3.98 5.64 -11.67
C ASN A 180 -4.93 4.48 -11.93
N LEU A 181 -6.17 4.65 -11.49
CA LEU A 181 -7.24 3.68 -11.74
C LEU A 181 -8.41 4.34 -12.45
N ASP A 182 -8.13 5.34 -13.28
CA ASP A 182 -9.19 6.07 -13.98
C ASP A 182 -9.86 5.19 -15.03
N SER A 183 -9.09 4.35 -15.71
CA SER A 183 -9.66 3.46 -16.72
C SER A 183 -10.59 2.41 -16.13
N CYS A 184 -10.53 2.18 -14.83
CA CYS A 184 -11.30 1.10 -14.22
C CYS A 184 -12.79 1.46 -14.16
N LYS A 185 -13.63 0.51 -14.55
CA LYS A 185 -15.07 0.70 -14.61
C LYS A 185 -15.76 -0.55 -14.10
N ARG A 186 -16.85 -0.36 -13.34
CA ARG A 186 -17.68 -1.46 -12.88
C ARG A 186 -19.14 -1.03 -12.96
N VAL A 187 -19.85 -1.63 -13.93
CA VAL A 187 -21.30 -1.37 -14.07
C VAL A 187 -22.02 -2.46 -13.30
N LEU A 188 -22.97 -2.08 -12.46
CA LEU A 188 -23.67 -3.01 -11.59
C LEU A 188 -25.17 -2.89 -11.83
N ASN A 189 -25.92 -3.89 -11.36
CA ASN A 189 -27.37 -3.89 -11.52
C ASN A 189 -28.04 -4.43 -10.27
N VAL A 190 -29.11 -3.76 -9.86
CA VAL A 190 -29.92 -4.17 -8.71
C VAL A 190 -31.35 -4.36 -9.19
N VAL A 191 -31.97 -5.46 -8.76
CA VAL A 191 -33.32 -5.82 -9.16
C VAL A 191 -34.14 -6.06 -7.91
N CYS A 192 -35.11 -5.18 -7.66
CA CYS A 192 -36.06 -5.34 -6.56
C CYS A 192 -37.42 -5.71 -7.11
N LYS A 193 -38.17 -6.49 -6.34
CA LYS A 193 -39.48 -6.96 -6.79
C LYS A 193 -40.41 -5.79 -7.06
N THR A 194 -40.42 -4.79 -6.19
CA THR A 194 -41.35 -3.67 -6.30
C THR A 194 -40.71 -2.42 -6.89
N CYS A 195 -39.52 -2.03 -6.40
CA CYS A 195 -38.88 -0.83 -6.93
C CYS A 195 -38.50 -0.99 -8.40
N GLY A 196 -38.17 -2.21 -8.82
CA GLY A 196 -37.82 -2.47 -10.20
C GLY A 196 -36.37 -2.87 -10.40
N GLN A 197 -35.77 -2.44 -11.51
CA GLN A 197 -34.36 -2.68 -11.79
C GLN A 197 -33.64 -1.35 -11.91
N GLN A 198 -32.36 -1.36 -11.56
CA GLN A 198 -31.56 -0.14 -11.60
C GLN A 198 -30.10 -0.49 -11.82
N GLN A 199 -29.44 0.31 -12.67
CA GLN A 199 -28.04 0.04 -13.04
C GLN A 199 -27.12 1.17 -12.54
N THR A 200 -26.06 0.81 -11.82
CA THR A 200 -25.12 1.82 -11.30
C THR A 200 -23.74 1.61 -11.94
N THR A 201 -23.05 2.70 -12.29
CA THR A 201 -21.68 2.57 -12.85
C THR A 201 -20.68 3.16 -11.87
N LEU A 202 -19.82 2.33 -11.28
CA LEU A 202 -18.78 2.84 -10.36
C LEU A 202 -17.47 2.94 -11.14
N LYS A 203 -16.61 3.88 -10.74
CA LYS A 203 -15.29 4.03 -11.41
C LYS A 203 -14.21 4.21 -10.32
N GLY A 204 -12.94 4.11 -10.71
CA GLY A 204 -11.85 4.26 -9.76
C GLY A 204 -11.78 3.19 -8.70
N VAL A 205 -11.51 3.60 -7.46
CA VAL A 205 -11.26 2.64 -6.39
C VAL A 205 -12.50 1.81 -6.12
N GLU A 206 -13.69 2.41 -6.23
CA GLU A 206 -14.92 1.67 -5.97
C GLU A 206 -15.19 0.61 -7.02
N ALA A 207 -14.57 0.71 -8.18
CA ALA A 207 -14.76 -0.29 -9.22
C ALA A 207 -13.95 -1.56 -8.99
N VAL A 208 -12.92 -1.50 -8.14
CA VAL A 208 -12.02 -2.63 -7.97
C VAL A 208 -12.12 -3.29 -6.60
N MET A 209 -12.88 -2.73 -5.67
CA MET A 209 -13.02 -3.30 -4.34
C MET A 209 -14.49 -3.57 -4.03
N TYR A 210 -14.75 -4.68 -3.34
CA TYR A 210 -16.08 -4.98 -2.86
C TYR A 210 -15.97 -5.54 -1.46
N MET A 211 -16.88 -5.11 -0.58
CA MET A 211 -16.95 -5.57 0.78
C MET A 211 -18.23 -6.36 0.97
N GLY A 212 -18.10 -7.63 1.36
CA GLY A 212 -19.26 -8.48 1.53
C GLY A 212 -18.98 -9.95 1.30
N THR A 213 -18.46 -10.30 0.13
CA THR A 213 -18.15 -11.68 -0.18
C THR A 213 -16.72 -11.80 -0.67
N LEU A 214 -16.14 -12.97 -0.44
CA LEU A 214 -14.79 -13.29 -0.89
C LEU A 214 -14.74 -13.86 -2.30
N SER A 215 -15.80 -14.55 -2.72
CA SER A 215 -15.84 -15.25 -4.00
C SER A 215 -16.22 -14.28 -5.11
N TYR A 216 -15.33 -14.15 -6.11
CA TYR A 216 -15.66 -13.37 -7.28
C TYR A 216 -16.81 -13.99 -8.06
N GLU A 217 -16.88 -15.32 -8.09
CA GLU A 217 -17.99 -16.01 -8.74
C GLU A 217 -19.31 -15.63 -8.09
N GLN A 218 -19.35 -15.57 -6.76
CA GLN A 218 -20.58 -15.20 -6.07
C GLN A 218 -20.99 -13.77 -6.42
N PHE A 219 -20.01 -12.88 -6.59
CA PHE A 219 -20.33 -11.52 -7.01
C PHE A 219 -20.88 -11.50 -8.43
N LYS A 220 -20.36 -12.37 -9.30
CA LYS A 220 -20.87 -12.44 -10.67
C LYS A 220 -22.30 -12.97 -10.69
N LYS A 221 -22.58 -13.99 -9.87
CA LYS A 221 -23.94 -14.53 -9.81
C LYS A 221 -24.91 -13.52 -9.19
N GLY A 222 -24.48 -12.82 -8.15
CA GLY A 222 -25.34 -11.85 -7.51
C GLY A 222 -25.45 -12.06 -6.01
N VAL A 223 -25.54 -10.97 -5.24
CA VAL A 223 -25.63 -11.04 -3.80
C VAL A 223 -26.88 -10.31 -3.34
N GLN A 224 -27.22 -10.50 -2.06
CA GLN A 224 -28.43 -9.94 -1.48
C GLN A 224 -28.11 -8.60 -0.83
N ILE A 225 -28.75 -7.54 -1.32
CA ILE A 225 -28.62 -6.21 -0.72
C ILE A 225 -30.02 -5.65 -0.44
N PRO A 226 -30.21 -4.91 0.65
CA PRO A 226 -31.52 -4.30 0.90
C PRO A 226 -31.79 -3.16 -0.08
N CYS A 227 -33.03 -3.12 -0.58
CA CYS A 227 -33.43 -2.11 -1.54
C CYS A 227 -33.73 -0.78 -0.86
N THR A 228 -33.78 0.28 -1.67
CA THR A 228 -34.09 1.61 -1.14
C THR A 228 -35.50 1.67 -0.56
N CYS A 229 -36.41 0.84 -1.06
CA CYS A 229 -37.75 0.72 -0.52
C CYS A 229 -37.92 -0.54 0.35
N GLY A 230 -36.82 -1.16 0.76
CA GLY A 230 -36.88 -2.32 1.61
C GLY A 230 -37.31 -3.61 0.93
N LYS A 231 -37.26 -3.66 -0.40
CA LYS A 231 -37.68 -4.84 -1.13
C LYS A 231 -36.71 -6.00 -0.93
N ALA A 233 -33.34 -7.09 -2.22
CA ALA A 233 -33.05 -7.07 -3.65
C ALA A 233 -31.79 -7.87 -3.98
N THR A 234 -31.50 -8.00 -5.27
CA THR A 234 -30.32 -8.72 -5.76
C THR A 234 -29.40 -7.76 -6.50
N LYS A 235 -28.10 -7.89 -6.27
CA LYS A 235 -27.10 -7.07 -6.95
C LYS A 235 -26.06 -8.00 -7.56
N TYR A 236 -25.88 -7.87 -8.88
CA TYR A 236 -24.92 -8.70 -9.61
C TYR A 236 -24.05 -7.81 -10.48
N LEU A 237 -22.89 -8.35 -10.86
CA LEU A 237 -21.93 -7.63 -11.68
C LEU A 237 -22.31 -7.75 -13.15
N VAL A 238 -22.45 -6.62 -13.83
CA VAL A 238 -22.77 -6.60 -15.25
C VAL A 238 -21.48 -6.59 -16.06
N GLN A 239 -20.75 -5.48 -16.01
CA GLN A 239 -19.50 -5.35 -16.74
C GLN A 239 -18.39 -4.94 -15.77
N GLN A 240 -17.18 -5.45 -16.03
CA GLN A 240 -16.01 -5.14 -15.21
C GLN A 240 -14.83 -4.90 -16.12
N GLU A 241 -14.21 -3.72 -16.01
CA GLU A 241 -13.08 -3.34 -16.87
C GLU A 241 -11.97 -2.83 -15.95
N SER A 242 -11.14 -3.76 -15.47
CA SER A 242 -10.06 -3.42 -14.56
C SER A 242 -9.01 -4.52 -14.62
N PRO A 243 -7.73 -4.18 -14.40
CA PRO A 243 -6.68 -5.22 -14.40
C PRO A 243 -6.78 -6.19 -13.23
N PHE A 244 -7.64 -5.94 -12.25
CA PHE A 244 -7.80 -6.83 -11.10
C PHE A 244 -9.05 -6.40 -10.35
N VAL A 245 -9.45 -7.24 -9.39
CA VAL A 245 -10.50 -6.91 -8.43
C VAL A 245 -10.08 -7.48 -7.07
N MET A 246 -10.54 -6.79 -6.01
CA MET A 246 -10.26 -7.25 -4.62
C MET A 246 -11.59 -7.52 -3.92
N MET A 247 -11.79 -8.73 -3.43
CA MET A 247 -13.00 -9.15 -2.74
C MET A 247 -12.67 -9.32 -1.27
N SER A 248 -13.42 -8.64 -0.41
CA SER A 248 -13.16 -8.68 1.02
C SER A 248 -14.44 -9.01 1.78
N ALA A 249 -14.27 -9.73 2.88
CA ALA A 249 -15.34 -10.08 3.80
C ALA A 249 -14.71 -10.25 5.18
N PRO A 250 -15.50 -10.13 6.25
CA PRO A 250 -14.93 -10.32 7.58
C PRO A 250 -14.37 -11.71 7.72
N PRO A 251 -13.27 -11.86 8.48
CA PRO A 251 -12.56 -13.15 8.52
C PRO A 251 -13.45 -14.35 8.78
N ALA A 252 -13.50 -15.26 7.81
CA ALA A 252 -14.25 -16.50 7.91
C ALA A 252 -13.44 -17.62 7.29
N GLN A 253 -13.72 -18.85 7.72
CA GLN A 253 -13.07 -20.00 7.13
C GLN A 253 -13.45 -20.12 5.66
N TYR A 254 -12.46 -20.38 4.82
CA TYR A 254 -12.63 -20.34 3.37
C TYR A 254 -11.69 -21.34 2.74
N GLU A 255 -12.15 -22.00 1.68
CA GLU A 255 -11.32 -22.92 0.92
C GLU A 255 -10.72 -22.17 -0.27
N LEU A 256 -9.39 -22.21 -0.37
CA LEU A 256 -8.67 -21.59 -1.48
C LEU A 256 -8.13 -22.67 -2.41
N LYS A 257 -8.61 -22.68 -3.65
CA LYS A 257 -8.23 -23.71 -4.61
C LYS A 257 -7.19 -23.17 -5.59
N HIS A 258 -6.20 -24.01 -5.88
CA HIS A 258 -5.11 -23.62 -6.77
C HIS A 258 -5.64 -23.19 -8.14
N GLY A 259 -5.21 -22.01 -8.59
CA GLY A 259 -5.55 -21.54 -9.92
C GLY A 259 -6.81 -20.71 -10.03
N THR A 260 -7.59 -20.58 -8.97
CA THR A 260 -8.84 -19.82 -9.02
C THR A 260 -8.71 -18.40 -8.48
N PHE A 261 -7.51 -18.01 -8.06
CA PHE A 261 -7.29 -16.69 -7.48
C PHE A 261 -5.81 -16.35 -7.60
N THR A 262 -5.50 -15.06 -7.46
CA THR A 262 -4.10 -14.62 -7.48
C THR A 262 -3.46 -14.74 -6.10
N CYS A 263 -4.02 -14.06 -5.10
CA CYS A 263 -3.48 -14.06 -3.76
C CYS A 263 -4.58 -13.65 -2.79
N ALA A 264 -4.35 -13.92 -1.51
CA ALA A 264 -5.38 -13.74 -0.50
C ALA A 264 -4.75 -13.36 0.83
N SER A 265 -5.57 -12.74 1.68
CA SER A 265 -5.18 -12.33 3.04
C SER A 265 -5.79 -13.28 4.05
N GLU A 266 -4.93 -14.00 4.77
CA GLU A 266 -5.38 -14.79 5.92
C GLU A 266 -5.19 -13.96 7.19
N TYR A 267 -6.25 -13.88 8.00
CA TYR A 267 -6.21 -13.16 9.26
C TYR A 267 -6.66 -14.09 10.38
N THR A 268 -5.78 -14.30 11.36
CA THR A 268 -6.08 -15.08 12.55
C THR A 268 -5.88 -14.22 13.79
N GLY A 269 -6.74 -14.41 14.77
CA GLY A 269 -6.61 -13.72 16.04
C GLY A 269 -7.73 -12.72 16.27
N ASN A 270 -7.55 -11.93 17.32
CA ASN A 270 -8.54 -10.95 17.73
C ASN A 270 -8.52 -9.74 16.80
N TYR A 271 -9.68 -9.12 16.65
CA TYR A 271 -9.82 -7.84 15.95
C TYR A 271 -8.69 -6.90 16.33
N GLN A 272 -8.07 -6.31 15.31
CA GLN A 272 -7.03 -5.30 15.44
C GLN A 272 -5.70 -5.84 15.99
N CYS A 273 -5.71 -6.58 17.10
CA CYS A 273 -4.45 -7.12 17.63
C CYS A 273 -4.20 -8.56 17.20
N GLY A 274 -4.46 -8.87 15.95
CA GLY A 274 -4.24 -10.17 15.35
C GLY A 274 -3.00 -10.22 14.47
N HIS A 275 -2.98 -11.18 13.54
CA HIS A 275 -1.83 -11.40 12.68
C HIS A 275 -2.28 -11.80 11.29
N TYR A 276 -1.53 -11.33 10.28
CA TYR A 276 -1.85 -11.54 8.88
C TYR A 276 -0.91 -12.56 8.27
N LYS A 277 -1.42 -13.37 7.35
CA LYS A 277 -0.62 -14.26 6.52
C LYS A 277 -1.03 -14.10 5.06
N HIS A 278 -0.08 -14.35 4.15
CA HIS A 278 -0.30 -14.16 2.72
C HIS A 278 -0.34 -15.51 2.02
N ILE A 279 -1.44 -15.76 1.31
CA ILE A 279 -1.61 -16.96 0.50
C ILE A 279 -1.53 -16.55 -0.97
N THR A 280 -0.61 -17.17 -1.72
CA THR A 280 -0.46 -16.88 -3.13
C THR A 280 -0.52 -18.16 -3.95
N SER A 281 -1.13 -18.08 -5.13
CA SER A 281 -1.33 -19.24 -5.99
C SER A 281 -0.29 -19.24 -7.11
N LYS A 282 0.67 -20.15 -7.00
CA LYS A 282 1.66 -20.34 -8.07
C LYS A 282 1.45 -21.71 -8.68
N GLU A 283 2.53 -22.47 -8.86
CA GLU A 283 2.32 -23.85 -9.31
C GLU A 283 1.57 -24.66 -8.26
N THR A 284 1.65 -24.24 -7.00
CA THR A 284 0.82 -24.76 -5.92
C THR A 284 0.55 -23.62 -4.95
N LEU A 285 -0.28 -23.88 -3.94
CA LEU A 285 -0.56 -22.85 -2.94
C LEU A 285 0.66 -22.63 -2.07
N TYR A 286 0.99 -21.36 -1.82
CA TYR A 286 2.10 -20.99 -0.96
C TYR A 286 1.58 -20.10 0.16
N CYS A 287 2.13 -20.28 1.35
CA CYS A 287 1.77 -19.45 2.51
C CYS A 287 3.03 -18.73 2.99
N ILE A 288 3.01 -17.41 2.92
CA ILE A 288 4.14 -16.57 3.33
C ILE A 288 3.75 -15.87 4.62
N ASP A 289 4.44 -16.21 5.70
CA ASP A 289 4.26 -15.62 7.02
C ASP A 289 5.59 -14.94 7.37
N GLY A 290 5.72 -13.68 6.98
CA GLY A 290 6.98 -12.98 7.16
C GLY A 290 8.09 -13.61 6.36
N ALA A 291 9.06 -14.21 7.04
CA ALA A 291 10.16 -14.90 6.38
C ALA A 291 9.90 -16.40 6.24
N LEU A 292 8.79 -16.90 6.77
CA LEU A 292 8.47 -18.32 6.74
C LEU A 292 7.67 -18.65 5.49
N LEU A 293 7.92 -19.83 4.93
CA LEU A 293 7.25 -20.28 3.72
C LEU A 293 6.78 -21.72 3.91
N THR A 294 5.50 -21.97 3.62
CA THR A 294 4.94 -23.31 3.59
C THR A 294 4.06 -23.45 2.34
N LYS A 295 4.05 -24.66 1.78
CA LYS A 295 3.26 -24.93 0.58
C LYS A 295 2.35 -26.13 0.81
N SER A 296 1.18 -26.09 0.15
CA SER A 296 0.21 -27.16 0.22
C SER A 296 -0.61 -27.17 -1.07
N SER A 297 -1.25 -28.30 -1.34
CA SER A 297 -2.02 -28.44 -2.59
C SER A 297 -3.42 -27.85 -2.45
N GLU A 298 -3.98 -27.84 -1.24
CA GLU A 298 -5.22 -27.16 -0.95
C GLU A 298 -5.02 -26.30 0.28
N TYR A 299 -5.93 -25.36 0.49
CA TYR A 299 -5.86 -24.51 1.67
C TYR A 299 -7.24 -24.18 2.18
N LYS A 300 -7.46 -24.41 3.47
CA LYS A 300 -8.68 -24.03 4.17
C LYS A 300 -8.27 -23.25 5.42
N GLY A 301 -8.85 -22.07 5.59
CA GLY A 301 -8.48 -21.22 6.70
C GLY A 301 -9.21 -19.89 6.67
N PRO A 302 -8.92 -19.03 7.66
CA PRO A 302 -9.65 -17.76 7.81
C PRO A 302 -9.11 -16.69 6.89
N ILE A 303 -9.87 -16.43 5.83
CA ILE A 303 -9.44 -15.47 4.79
C ILE A 303 -10.34 -14.24 4.85
N THR A 304 -9.77 -13.07 4.60
CA THR A 304 -10.53 -11.83 4.63
C THR A 304 -10.42 -10.99 3.36
N ASP A 305 -9.37 -11.18 2.56
CA ASP A 305 -9.26 -10.56 1.24
C ASP A 305 -8.83 -11.61 0.24
N VAL A 306 -9.39 -11.53 -0.97
CA VAL A 306 -8.97 -12.35 -2.09
C VAL A 306 -8.84 -11.47 -3.32
N PHE A 307 -7.73 -11.63 -4.05
CA PHE A 307 -7.44 -10.85 -5.25
C PHE A 307 -7.55 -11.71 -6.48
N TYR A 308 -8.20 -11.19 -7.52
CA TYR A 308 -8.41 -11.91 -8.77
C TYR A 308 -7.89 -11.09 -9.93
N LYS A 309 -7.54 -11.79 -11.01
CA LYS A 309 -7.12 -11.16 -12.25
C LYS A 309 -8.32 -10.85 -13.12
N GLU A 310 -8.18 -9.82 -13.96
CA GLU A 310 -9.29 -9.34 -14.79
C GLU A 310 -8.72 -8.50 -15.92
N ASN A 311 -9.54 -8.30 -16.95
CA ASN A 311 -9.23 -7.35 -18.01
C ASN A 311 -10.52 -6.77 -18.57
N SER A 312 -11.40 -7.64 -19.06
CA SER A 312 -12.71 -7.24 -19.54
C SER A 312 -13.68 -8.39 -19.33
N TYR A 313 -14.79 -8.11 -18.65
CA TYR A 313 -15.83 -9.10 -18.39
C TYR A 313 -17.19 -8.46 -18.61
N THR A 314 -18.04 -9.13 -19.39
CA THR A 314 -19.41 -8.69 -19.62
C THR A 314 -20.34 -9.86 -19.33
N THR A 315 -21.37 -9.62 -18.52
CA THR A 315 -22.23 -10.70 -18.05
C THR A 315 -23.09 -11.24 -19.19
N THR A 316 -23.73 -12.38 -18.91
CA THR A 316 -24.59 -13.06 -19.87
C THR A 316 -26.04 -13.17 -19.38
N ILE A 317 -26.40 -12.47 -18.31
CA ILE A 317 -27.76 -12.52 -17.78
C ILE A 317 -28.62 -11.45 -18.44
#